data_3LXJ
#
_entry.id   3LXJ
#
_cell.length_a   79.640
_cell.length_b   79.640
_cell.length_c   204.051
_cell.angle_alpha   90.00
_cell.angle_beta   90.00
_cell.angle_gamma   120.00
#
_symmetry.space_group_name_H-M   'P 65'
#
loop_
_entity.id
_entity.type
_entity.pdbx_description
1 polymer 'ATPase family AAA domain-containing protein 2B'
2 non-polymer 'ISOPROPYL ALCOHOL'
3 water water
#
_entity_poly.entity_id   1
_entity_poly.type   'polypeptide(L)'
_entity_poly.pdbx_seq_one_letter_code
;SMEDQEENTLRELRLFLRDVTKRLATDKRFNIFSKPVDIEEVSDYLEVIKEPMDLSTVITKIDKHNYLTAKDFLKDIDLI
CSNALEYNPDKDPGDKIIRHRACTLKDTAHAIIAAELDPEFNKLCEEIKEARIKRG
;
_entity_poly.pdbx_strand_id   A,B,C,D
#
# COMPACT_ATOMS: atom_id res chain seq x y z
N SER A 1 11.62 -9.38 6.23
CA SER A 1 10.43 -9.99 6.87
C SER A 1 9.15 -9.23 6.57
N MET A 2 9.23 -7.94 6.21
CA MET A 2 8.10 -7.31 5.55
C MET A 2 7.80 -8.19 4.35
N GLU A 3 8.84 -8.64 3.65
CA GLU A 3 8.66 -9.50 2.48
C GLU A 3 7.92 -10.79 2.87
N ASP A 4 8.39 -11.44 3.93
CA ASP A 4 7.76 -12.64 4.51
C ASP A 4 6.30 -12.38 4.85
N GLN A 5 6.05 -11.27 5.54
CA GLN A 5 4.69 -10.91 5.91
C GLN A 5 3.82 -10.62 4.68
N GLU A 6 4.36 -9.87 3.71
CA GLU A 6 3.65 -9.64 2.45
C GLU A 6 3.34 -10.99 1.77
N GLU A 7 4.29 -11.93 1.78
CA GLU A 7 4.04 -13.20 1.11
C GLU A 7 2.96 -14.01 1.77
N ASN A 8 2.84 -13.92 3.09
CA ASN A 8 1.74 -14.54 3.76
C ASN A 8 0.43 -14.01 3.20
N THR A 9 0.29 -12.70 3.05
CA THR A 9 -0.98 -12.14 2.55
C THR A 9 -1.27 -12.55 1.09
N LEU A 10 -0.28 -12.40 0.20
CA LEU A 10 -0.45 -12.89 -1.15
C LEU A 10 -0.85 -14.36 -1.10
N ARG A 11 -0.13 -15.18 -0.33
CA ARG A 11 -0.54 -16.56 -0.12
C ARG A 11 -2.04 -16.65 0.17
N GLU A 12 -2.57 -15.85 1.09
CA GLU A 12 -4.01 -15.91 1.44
C GLU A 12 -4.89 -15.55 0.24
N LEU A 13 -4.44 -14.62 -0.59
CA LEU A 13 -5.11 -14.34 -1.86
C LEU A 13 -5.09 -15.60 -2.75
N ARG A 14 -3.93 -16.18 -2.96
CA ARG A 14 -3.86 -17.39 -3.79
C ARG A 14 -4.81 -18.47 -3.31
N LEU A 15 -4.82 -18.78 -2.02
CA LEU A 15 -5.78 -19.74 -1.52
C LEU A 15 -7.20 -19.34 -1.97
N PHE A 16 -7.53 -18.08 -1.85
CA PHE A 16 -8.88 -17.61 -2.20
C PHE A 16 -9.13 -17.69 -3.72
N LEU A 17 -8.11 -17.38 -4.53
CA LEU A 17 -8.29 -17.41 -5.98
C LEU A 17 -8.39 -18.84 -6.51
N ARG A 18 -7.73 -19.78 -5.84
CA ARG A 18 -7.87 -21.19 -6.20
C ARG A 18 -9.22 -21.79 -5.87
N ASP A 19 -9.86 -21.26 -4.85
CA ASP A 19 -11.14 -21.78 -4.44
C ASP A 19 -12.19 -21.32 -5.46
N VAL A 20 -12.03 -20.09 -5.92
CA VAL A 20 -12.96 -19.47 -6.85
C VAL A 20 -12.82 -20.19 -8.17
N THR A 21 -11.59 -20.25 -8.67
CA THR A 21 -11.31 -20.86 -9.94
C THR A 21 -11.88 -22.27 -9.94
N LYS A 22 -11.68 -22.98 -8.84
CA LYS A 22 -12.18 -24.35 -8.69
C LYS A 22 -13.70 -24.44 -8.79
N ARG A 23 -14.39 -23.46 -8.23
CA ARG A 23 -15.86 -23.42 -8.36
C ARG A 23 -16.32 -23.14 -9.79
N LEU A 24 -15.54 -22.36 -10.53
CA LEU A 24 -15.81 -22.15 -11.94
C LEU A 24 -15.48 -23.39 -12.78
N ALA A 25 -14.39 -24.07 -12.45
CA ALA A 25 -13.86 -25.16 -13.27
C ALA A 25 -14.74 -26.39 -13.26
N THR A 26 -15.48 -26.58 -12.17
CA THR A 26 -16.32 -27.77 -11.96
C THR A 26 -17.80 -27.54 -12.30
N ASP A 27 -18.15 -26.29 -12.57
CA ASP A 27 -19.46 -25.95 -13.11
C ASP A 27 -19.52 -26.36 -14.57
N LYS A 28 -20.29 -27.39 -14.86
CA LYS A 28 -20.41 -27.97 -16.20
C LYS A 28 -20.82 -27.00 -17.34
N ARG A 29 -21.41 -25.86 -17.01
CA ARG A 29 -21.61 -24.80 -18.01
C ARG A 29 -20.30 -24.21 -18.59
N PHE A 30 -19.23 -24.23 -17.78
CA PHE A 30 -17.94 -23.65 -18.17
C PHE A 30 -16.92 -24.71 -18.57
N ASN A 31 -17.40 -25.79 -19.15
CA ASN A 31 -16.50 -26.85 -19.58
C ASN A 31 -15.68 -26.43 -20.78
N ILE A 32 -16.27 -25.64 -21.67
CA ILE A 32 -15.61 -25.27 -22.92
C ILE A 32 -14.45 -24.34 -22.65
N PHE A 33 -14.51 -23.67 -21.49
CA PHE A 33 -13.46 -22.77 -21.04
C PHE A 33 -12.46 -23.41 -20.09
N SER A 34 -12.67 -24.68 -19.73
CA SER A 34 -11.87 -25.30 -18.66
C SER A 34 -10.45 -25.63 -19.08
N LYS A 35 -10.22 -25.70 -20.40
CA LYS A 35 -8.94 -26.08 -20.98
C LYS A 35 -8.60 -25.16 -22.17
N PRO A 36 -7.32 -25.10 -22.56
CA PRO A 36 -6.94 -24.36 -23.79
C PRO A 36 -7.65 -24.89 -25.03
N VAL A 37 -8.11 -23.99 -25.89
CA VAL A 37 -8.77 -24.36 -27.12
C VAL A 37 -7.81 -25.16 -27.99
N ASP A 38 -8.26 -26.31 -28.51
CA ASP A 38 -7.39 -27.20 -29.32
C ASP A 38 -7.14 -26.61 -30.71
N ILE A 39 -5.86 -26.38 -31.03
CA ILE A 39 -5.46 -25.94 -32.37
C ILE A 39 -5.37 -27.13 -33.35
N GLU A 40 -5.85 -28.30 -32.93
CA GLU A 40 -6.08 -29.38 -33.87
C GLU A 40 -7.51 -29.23 -34.39
N GLU A 41 -8.49 -29.45 -33.52
CA GLU A 41 -9.91 -29.44 -33.89
C GLU A 41 -10.39 -28.04 -34.31
N VAL A 42 -9.78 -27.00 -33.75
CA VAL A 42 -10.10 -25.62 -34.11
C VAL A 42 -8.81 -24.96 -34.59
N SER A 43 -8.54 -25.11 -35.89
CA SER A 43 -7.28 -24.72 -36.53
C SER A 43 -7.11 -23.23 -36.78
N ASP A 44 -8.19 -22.47 -36.68
CA ASP A 44 -8.16 -21.05 -37.00
C ASP A 44 -8.07 -20.17 -35.76
N TYR A 45 -7.77 -20.75 -34.60
CA TYR A 45 -7.96 -20.03 -33.33
C TYR A 45 -6.88 -18.98 -33.08
N LEU A 46 -5.63 -19.44 -33.03
CA LEU A 46 -4.50 -18.57 -32.76
C LEU A 46 -4.32 -17.58 -33.94
N GLU A 47 -5.06 -17.80 -35.02
CA GLU A 47 -5.13 -16.87 -36.14
C GLU A 47 -5.95 -15.61 -35.81
N VAL A 48 -7.04 -15.80 -35.05
CA VAL A 48 -8.00 -14.73 -34.69
C VAL A 48 -7.86 -14.26 -33.22
N ILE A 49 -7.62 -15.22 -32.31
CA ILE A 49 -7.42 -14.90 -30.90
C ILE A 49 -5.93 -14.77 -30.59
N LYS A 50 -5.55 -13.59 -30.12
CA LYS A 50 -4.14 -13.21 -29.99
C LYS A 50 -3.55 -13.54 -28.62
N GLU A 51 -4.41 -13.67 -27.61
CA GLU A 51 -4.02 -14.02 -26.22
C GLU A 51 -4.97 -15.06 -25.61
N PRO A 52 -4.77 -16.35 -25.90
CA PRO A 52 -5.69 -17.39 -25.41
C PRO A 52 -5.67 -17.55 -23.90
N MET A 53 -6.77 -17.98 -23.32
CA MET A 53 -6.86 -18.07 -21.87
C MET A 53 -7.99 -18.99 -21.48
N ASP A 54 -7.81 -19.64 -20.33
CA ASP A 54 -8.69 -20.70 -19.88
C ASP A 54 -8.44 -20.99 -18.41
N LEU A 55 -9.38 -21.71 -17.80
CA LEU A 55 -9.42 -21.85 -16.34
C LEU A 55 -8.19 -22.62 -15.81
N SER A 56 -7.71 -23.59 -16.59
CA SER A 56 -6.54 -24.34 -16.18
C SER A 56 -5.26 -23.56 -16.35
N THR A 57 -5.25 -22.56 -17.23
CA THR A 57 -4.04 -21.71 -17.41
C THR A 57 -4.00 -20.69 -16.29
N VAL A 58 -5.17 -20.25 -15.87
CA VAL A 58 -5.33 -19.41 -14.72
C VAL A 58 -4.81 -20.03 -13.40
N ILE A 59 -5.01 -21.34 -13.24
CA ILE A 59 -4.55 -22.07 -12.06
C ILE A 59 -3.04 -22.02 -12.08
N THR A 60 -2.44 -22.17 -13.24
CA THR A 60 -1.00 -22.19 -13.36
C THR A 60 -0.47 -20.80 -13.02
N LYS A 61 -1.17 -19.77 -13.48
CA LYS A 61 -0.83 -18.40 -13.22
C LYS A 61 -0.91 -18.02 -11.75
N ILE A 62 -1.89 -18.58 -11.03
CA ILE A 62 -1.98 -18.32 -9.62
C ILE A 62 -0.67 -18.82 -9.02
N ASP A 63 -0.31 -20.05 -9.36
CA ASP A 63 0.87 -20.76 -8.80
C ASP A 63 2.20 -20.12 -9.20
N LYS A 64 2.23 -19.37 -10.30
CA LYS A 64 3.45 -18.65 -10.67
C LYS A 64 3.44 -17.26 -10.07
N HIS A 65 2.55 -17.01 -9.13
CA HIS A 65 2.43 -15.71 -8.48
C HIS A 65 2.18 -14.58 -9.49
N ASN A 66 1.42 -14.84 -10.55
CA ASN A 66 1.13 -13.78 -11.51
C ASN A 66 0.04 -12.81 -11.02
N TYR A 67 -0.73 -13.20 -10.01
CA TYR A 67 -1.76 -12.30 -9.49
C TYR A 67 -1.48 -11.82 -8.08
N LEU A 68 -1.28 -10.52 -7.93
CA LEU A 68 -1.19 -9.89 -6.62
C LEU A 68 -2.50 -9.25 -6.16
N THR A 69 -3.47 -9.06 -7.04
CA THR A 69 -4.81 -8.66 -6.58
C THR A 69 -5.89 -9.52 -7.20
N ALA A 70 -7.08 -9.45 -6.62
CA ALA A 70 -8.22 -10.12 -7.19
C ALA A 70 -8.49 -9.53 -8.57
N LYS A 71 -8.23 -8.24 -8.72
CA LYS A 71 -8.44 -7.57 -10.01
C LYS A 71 -7.53 -8.13 -11.13
N ASP A 72 -6.27 -8.41 -10.85
CA ASP A 72 -5.39 -9.02 -11.87
C ASP A 72 -5.93 -10.36 -12.32
N PHE A 73 -6.58 -11.04 -11.40
CA PHE A 73 -7.19 -12.33 -11.71
C PHE A 73 -8.43 -12.17 -12.63
N LEU A 74 -9.31 -11.26 -12.27
CA LEU A 74 -10.54 -10.99 -13.00
C LEU A 74 -10.30 -10.53 -14.41
N LYS A 75 -9.18 -9.84 -14.63
CA LYS A 75 -8.75 -9.47 -15.96
C LYS A 75 -8.68 -10.68 -16.88
N ASP A 76 -8.18 -11.79 -16.34
CA ASP A 76 -7.94 -12.97 -17.16
C ASP A 76 -9.23 -13.70 -17.37
N ILE A 77 -10.14 -13.65 -16.39
CA ILE A 77 -11.50 -14.14 -16.61
C ILE A 77 -12.14 -13.28 -17.72
N ASP A 78 -12.13 -11.96 -17.55
CA ASP A 78 -12.59 -11.05 -18.58
C ASP A 78 -12.04 -11.44 -19.95
N LEU A 79 -10.77 -11.86 -19.99
CA LEU A 79 -10.11 -12.22 -21.23
C LEU A 79 -10.69 -13.50 -21.79
N ILE A 80 -11.08 -14.41 -20.91
CA ILE A 80 -11.70 -15.66 -21.38
C ILE A 80 -12.97 -15.31 -22.13
N CYS A 81 -13.68 -14.32 -21.61
CA CYS A 81 -14.99 -13.97 -22.11
C CYS A 81 -14.91 -13.18 -23.41
N SER A 82 -14.02 -12.18 -23.45
CA SER A 82 -13.84 -11.37 -24.65
C SER A 82 -13.37 -12.21 -25.83
N ASN A 83 -12.62 -13.29 -25.58
CA ASN A 83 -12.18 -14.19 -26.67
C ASN A 83 -13.29 -15.04 -27.23
N ALA A 84 -14.07 -15.61 -26.33
CA ALA A 84 -15.28 -16.29 -26.69
C ALA A 84 -16.09 -15.41 -27.64
N LEU A 85 -16.40 -14.19 -27.21
CA LEU A 85 -17.24 -13.30 -28.02
C LEU A 85 -16.62 -12.89 -29.37
N GLU A 86 -15.30 -12.71 -29.41
CA GLU A 86 -14.61 -12.40 -30.68
C GLU A 86 -14.67 -13.57 -31.68
N TYR A 87 -14.46 -14.79 -31.19
CA TYR A 87 -14.36 -15.97 -32.04
C TYR A 87 -15.74 -16.58 -32.37
N ASN A 88 -16.75 -16.17 -31.63
CA ASN A 88 -18.06 -16.75 -31.77
C ASN A 88 -19.07 -15.63 -31.84
N PRO A 89 -19.12 -14.91 -32.97
CA PRO A 89 -19.98 -13.74 -32.96
C PRO A 89 -21.29 -13.90 -33.74
N ASP A 90 -21.61 -15.13 -34.12
CA ASP A 90 -22.63 -15.38 -35.17
C ASP A 90 -24.11 -15.32 -34.75
N LYS A 91 -24.98 -15.65 -35.71
CA LYS A 91 -26.42 -15.78 -35.45
C LYS A 91 -26.77 -17.20 -35.02
N ASP A 92 -25.87 -18.15 -35.24
CA ASP A 92 -26.16 -19.57 -35.02
C ASP A 92 -26.28 -19.82 -33.54
N PRO A 93 -27.33 -20.53 -33.11
CA PRO A 93 -27.55 -20.67 -31.68
C PRO A 93 -26.44 -21.44 -30.94
N GLY A 94 -25.48 -22.01 -31.68
CA GLY A 94 -24.30 -22.62 -31.10
C GLY A 94 -23.37 -21.54 -30.59
N ASP A 95 -23.21 -20.50 -31.40
CA ASP A 95 -22.52 -19.31 -30.97
C ASP A 95 -23.18 -18.69 -29.74
N LYS A 96 -24.49 -18.48 -29.77
CA LYS A 96 -25.18 -17.81 -28.67
C LYS A 96 -25.06 -18.56 -27.35
N ILE A 97 -25.12 -19.89 -27.39
CA ILE A 97 -24.85 -20.77 -26.24
C ILE A 97 -23.50 -20.47 -25.62
N ILE A 98 -22.49 -20.34 -26.48
CA ILE A 98 -21.13 -20.15 -26.01
C ILE A 98 -20.99 -18.77 -25.41
N ARG A 99 -21.53 -17.78 -26.10
CA ARG A 99 -21.47 -16.41 -25.61
C ARG A 99 -22.21 -16.27 -24.29
N HIS A 100 -23.39 -16.88 -24.17
CA HIS A 100 -24.14 -16.77 -22.92
C HIS A 100 -23.32 -17.35 -21.79
N ARG A 101 -22.62 -18.46 -22.08
CA ARG A 101 -21.75 -19.10 -21.11
C ARG A 101 -20.58 -18.18 -20.76
N ALA A 102 -19.90 -17.62 -21.76
CA ALA A 102 -18.81 -16.66 -21.48
C ALA A 102 -19.28 -15.58 -20.51
N CYS A 103 -20.36 -14.89 -20.85
CA CYS A 103 -20.88 -13.76 -20.05
C CYS A 103 -21.26 -14.16 -18.64
N THR A 104 -21.81 -15.36 -18.48
CA THR A 104 -22.14 -15.84 -17.15
C THR A 104 -20.87 -16.24 -16.33
N LEU A 105 -19.86 -16.77 -17.00
CA LEU A 105 -18.58 -17.07 -16.34
C LEU A 105 -18.02 -15.75 -15.76
N LYS A 106 -17.94 -14.73 -16.60
CA LYS A 106 -17.46 -13.42 -16.15
C LYS A 106 -18.29 -12.91 -14.97
N ASP A 107 -19.57 -12.65 -15.16
CA ASP A 107 -20.45 -12.16 -14.09
C ASP A 107 -20.41 -13.02 -12.81
N THR A 108 -20.30 -14.33 -12.94
CA THR A 108 -20.27 -15.20 -11.78
C THR A 108 -18.98 -14.93 -11.02
N ALA A 109 -17.85 -14.88 -11.74
CA ALA A 109 -16.56 -14.59 -11.13
C ALA A 109 -16.55 -13.26 -10.39
N HIS A 110 -17.11 -12.23 -11.01
CA HIS A 110 -17.18 -10.88 -10.39
C HIS A 110 -18.06 -10.81 -9.15
N ALA A 111 -19.17 -11.54 -9.14
CA ALA A 111 -20.08 -11.53 -7.99
C ALA A 111 -19.48 -12.33 -6.82
N ILE A 112 -18.76 -13.41 -7.12
CA ILE A 112 -18.04 -14.16 -6.07
C ILE A 112 -17.08 -13.20 -5.37
N ILE A 113 -16.12 -12.64 -6.10
CA ILE A 113 -15.16 -11.72 -5.50
C ILE A 113 -15.89 -10.63 -4.71
N ALA A 114 -16.85 -9.98 -5.34
CA ALA A 114 -17.60 -8.89 -4.71
C ALA A 114 -18.25 -9.27 -3.37
N ALA A 115 -18.80 -10.48 -3.28
CA ALA A 115 -19.47 -10.92 -2.06
C ALA A 115 -18.49 -11.44 -1.00
N GLU A 116 -17.38 -12.03 -1.44
CA GLU A 116 -16.58 -12.84 -0.54
C GLU A 116 -15.26 -12.21 -0.16
N LEU A 117 -14.79 -11.26 -0.95
CA LEU A 117 -13.53 -10.61 -0.70
C LEU A 117 -13.74 -9.47 0.28
N ASP A 118 -13.16 -9.59 1.47
CA ASP A 118 -13.08 -8.48 2.42
C ASP A 118 -12.33 -7.30 1.79
N PRO A 119 -12.95 -6.11 1.76
CA PRO A 119 -12.36 -4.93 1.09
C PRO A 119 -11.03 -4.46 1.66
N GLU A 120 -10.87 -4.49 2.96
CA GLU A 120 -9.60 -4.09 3.56
C GLU A 120 -8.52 -5.09 3.17
N PHE A 121 -8.89 -6.35 3.03
CA PHE A 121 -7.90 -7.35 2.64
C PHE A 121 -7.43 -7.02 1.23
N ASN A 122 -8.36 -6.61 0.38
CA ASN A 122 -8.03 -6.25 -0.99
C ASN A 122 -7.18 -5.00 -1.04
N LYS A 123 -7.55 -3.97 -0.27
CA LYS A 123 -6.72 -2.78 -0.20
C LYS A 123 -5.29 -3.15 0.18
N LEU A 124 -5.13 -4.10 1.08
CA LEU A 124 -3.81 -4.51 1.55
C LEU A 124 -3.00 -5.16 0.43
N CYS A 125 -3.69 -5.93 -0.41
CA CYS A 125 -3.05 -6.58 -1.54
C CYS A 125 -2.60 -5.51 -2.52
N GLU A 126 -3.47 -4.52 -2.74
CA GLU A 126 -3.20 -3.44 -3.70
C GLU A 126 -1.93 -2.72 -3.34
N GLU A 127 -1.76 -2.35 -2.07
CA GLU A 127 -0.54 -1.66 -1.66
C GLU A 127 0.68 -2.53 -1.75
N ILE A 128 0.53 -3.81 -1.43
CA ILE A 128 1.65 -4.72 -1.63
C ILE A 128 2.04 -4.79 -3.11
N LYS A 129 1.05 -4.80 -3.99
CA LYS A 129 1.32 -4.74 -5.42
C LYS A 129 2.09 -3.48 -5.76
N GLU A 130 1.54 -2.36 -5.31
CA GLU A 130 2.09 -1.04 -5.61
C GLU A 130 3.46 -0.89 -4.94
N ALA A 131 3.50 -1.24 -3.65
CA ALA A 131 4.73 -1.16 -2.87
C ALA A 131 5.86 -2.00 -3.47
N ARG A 132 5.52 -3.05 -4.23
CA ARG A 132 6.52 -3.82 -4.96
C ARG A 132 6.95 -3.13 -6.24
N ILE A 133 6.00 -2.53 -6.96
CA ILE A 133 6.34 -1.73 -8.15
C ILE A 133 7.45 -0.77 -7.76
N LYS A 134 7.25 -0.05 -6.65
CA LYS A 134 8.23 0.90 -6.11
C LYS A 134 9.49 0.26 -5.46
N ARG A 135 9.70 -1.05 -5.69
CA ARG A 135 10.98 -1.73 -5.38
C ARG A 135 11.33 -2.66 -6.55
N SER B 1 -6.14 23.34 -34.05
CA SER B 1 -7.02 22.47 -34.91
C SER B 1 -7.11 21.04 -34.35
N MET B 2 -5.95 20.42 -34.13
CA MET B 2 -5.86 19.16 -33.39
C MET B 2 -6.63 19.26 -32.09
N GLU B 3 -6.35 20.31 -31.31
CA GLU B 3 -7.02 20.54 -30.03
C GLU B 3 -8.44 21.06 -30.22
N ASP B 4 -8.69 21.77 -31.32
CA ASP B 4 -10.07 22.12 -31.72
C ASP B 4 -10.83 20.83 -31.84
N GLN B 5 -10.26 19.90 -32.61
CA GLN B 5 -10.91 18.61 -32.82
C GLN B 5 -11.11 17.83 -31.51
N GLU B 6 -10.11 17.85 -30.63
CA GLU B 6 -10.29 17.26 -29.31
C GLU B 6 -11.41 17.96 -28.53
N GLU B 7 -11.41 19.28 -28.50
CA GLU B 7 -12.42 19.97 -27.72
C GLU B 7 -13.83 19.68 -28.21
N ASN B 8 -13.98 19.53 -29.52
CA ASN B 8 -15.27 19.18 -30.07
C ASN B 8 -15.76 17.91 -29.44
N THR B 9 -14.86 16.95 -29.22
CA THR B 9 -15.22 15.64 -28.63
C THR B 9 -15.53 15.78 -27.14
N LEU B 10 -14.69 16.49 -26.40
CA LEU B 10 -14.97 16.80 -25.01
C LEU B 10 -16.27 17.61 -24.83
N ARG B 11 -16.52 18.56 -25.74
CA ARG B 11 -17.80 19.24 -25.81
C ARG B 11 -18.96 18.25 -25.96
N GLU B 12 -18.81 17.21 -26.78
CA GLU B 12 -19.90 16.23 -26.95
C GLU B 12 -20.15 15.45 -25.63
N LEU B 13 -19.09 15.17 -24.88
CA LEU B 13 -19.23 14.52 -23.59
C LEU B 13 -20.02 15.40 -22.62
N ARG B 14 -19.57 16.64 -22.48
CA ARG B 14 -20.28 17.62 -21.67
C ARG B 14 -21.77 17.69 -21.99
N LEU B 15 -22.14 17.57 -23.26
CA LEU B 15 -23.53 17.56 -23.60
C LEU B 15 -24.15 16.27 -23.01
N PHE B 16 -23.50 15.15 -23.21
CA PHE B 16 -24.01 13.88 -22.73
C PHE B 16 -24.09 13.90 -21.20
N LEU B 17 -23.03 14.35 -20.54
CA LEU B 17 -23.00 14.38 -19.09
C LEU B 17 -24.07 15.30 -18.50
N ARG B 18 -24.43 16.38 -19.20
CA ARG B 18 -25.47 17.28 -18.73
C ARG B 18 -26.86 16.66 -18.73
N ASP B 19 -27.23 16.03 -19.83
CA ASP B 19 -28.49 15.34 -19.91
C ASP B 19 -28.65 14.28 -18.80
N VAL B 20 -27.57 13.56 -18.54
CA VAL B 20 -27.51 12.56 -17.49
C VAL B 20 -27.76 13.21 -16.15
N THR B 21 -27.03 14.29 -15.90
CA THR B 21 -27.04 14.94 -14.60
C THR B 21 -28.42 15.53 -14.35
N LYS B 22 -29.00 16.09 -15.40
CA LYS B 22 -30.31 16.68 -15.35
C LYS B 22 -31.33 15.60 -15.00
N ARG B 23 -31.29 14.49 -15.72
CA ARG B 23 -32.22 13.39 -15.42
C ARG B 23 -32.16 12.90 -13.98
N LEU B 24 -30.98 12.93 -13.38
CA LEU B 24 -30.81 12.55 -11.98
C LEU B 24 -31.33 13.64 -11.03
N ALA B 25 -31.18 14.91 -11.41
CA ALA B 25 -31.56 16.05 -10.57
C ALA B 25 -33.06 16.33 -10.59
N THR B 26 -33.73 15.87 -11.64
CA THR B 26 -35.16 16.06 -11.82
C THR B 26 -35.96 14.91 -11.21
N ASP B 27 -35.26 13.86 -10.78
CA ASP B 27 -35.87 12.71 -10.09
C ASP B 27 -36.15 13.05 -8.64
N LYS B 28 -37.40 12.91 -8.21
CA LYS B 28 -37.81 13.17 -6.81
C LYS B 28 -36.84 12.55 -5.80
N ARG B 29 -36.62 11.24 -5.94
CA ARG B 29 -35.74 10.48 -5.00
C ARG B 29 -34.39 11.12 -4.65
N PHE B 30 -33.80 11.85 -5.59
CA PHE B 30 -32.46 12.42 -5.44
C PHE B 30 -32.39 13.89 -4.99
N ASN B 31 -33.54 14.46 -4.67
CA ASN B 31 -33.59 15.85 -4.23
C ASN B 31 -32.55 16.16 -3.16
N ILE B 32 -32.49 15.34 -2.11
CA ILE B 32 -31.59 15.60 -0.99
C ILE B 32 -30.14 15.63 -1.42
N PHE B 33 -29.87 15.22 -2.66
CA PHE B 33 -28.54 15.24 -3.22
C PHE B 33 -28.33 16.33 -4.26
N SER B 34 -29.38 17.09 -4.59
CA SER B 34 -29.35 17.99 -5.74
C SER B 34 -28.58 19.29 -5.49
N LYS B 35 -28.31 19.55 -4.21
CA LYS B 35 -27.72 20.80 -3.77
C LYS B 35 -26.73 20.54 -2.66
N PRO B 36 -25.86 21.52 -2.36
CA PRO B 36 -24.97 21.33 -1.21
C PRO B 36 -25.77 21.05 0.07
N VAL B 37 -25.12 20.43 1.05
CA VAL B 37 -25.71 20.32 2.37
C VAL B 37 -25.56 21.68 3.08
N ASP B 38 -26.66 22.17 3.67
CA ASP B 38 -26.64 23.43 4.42
C ASP B 38 -25.84 23.26 5.73
N ILE B 39 -24.58 23.71 5.72
CA ILE B 39 -23.70 23.57 6.89
C ILE B 39 -24.22 24.29 8.13
N GLU B 40 -25.24 25.13 7.96
CA GLU B 40 -25.99 25.70 9.08
C GLU B 40 -27.04 24.71 9.57
N GLU B 41 -27.86 24.21 8.64
CA GLU B 41 -28.96 23.27 8.96
C GLU B 41 -28.44 21.94 9.52
N VAL B 42 -27.43 21.37 8.87
CA VAL B 42 -26.74 20.18 9.38
C VAL B 42 -25.37 20.59 9.92
N SER B 43 -25.37 21.14 11.14
CA SER B 43 -24.19 21.73 11.78
C SER B 43 -22.89 20.94 11.65
N ASP B 44 -22.98 19.61 11.76
CA ASP B 44 -21.80 18.78 11.93
C ASP B 44 -21.24 18.17 10.64
N TYR B 45 -21.55 18.76 9.48
CA TYR B 45 -21.27 18.06 8.20
C TYR B 45 -19.79 18.04 7.79
N LEU B 46 -19.16 19.21 7.76
CA LEU B 46 -17.76 19.31 7.30
C LEU B 46 -16.80 18.75 8.36
N GLU B 47 -17.29 18.61 9.59
CA GLU B 47 -16.54 17.89 10.64
C GLU B 47 -16.32 16.41 10.29
N VAL B 48 -17.30 15.79 9.62
CA VAL B 48 -17.24 14.37 9.27
C VAL B 48 -16.81 14.09 7.82
N ILE B 49 -17.47 14.75 6.87
CA ILE B 49 -17.22 14.49 5.44
C ILE B 49 -16.20 15.47 4.84
N LYS B 50 -15.07 14.93 4.38
CA LYS B 50 -13.95 15.72 3.93
C LYS B 50 -14.15 16.34 2.53
N GLU B 51 -14.84 15.61 1.66
CA GLU B 51 -15.10 16.07 0.29
C GLU B 51 -16.60 16.06 0.02
N PRO B 52 -17.30 17.18 0.34
CA PRO B 52 -18.71 17.32 -0.03
C PRO B 52 -18.90 17.34 -1.54
N MET B 53 -20.11 17.03 -2.01
CA MET B 53 -20.36 16.91 -3.44
C MET B 53 -21.84 16.73 -3.64
N ASP B 54 -22.37 17.30 -4.72
CA ASP B 54 -23.80 17.19 -5.03
C ASP B 54 -24.02 17.37 -6.54
N LEU B 55 -25.25 17.16 -6.98
CA LEU B 55 -25.54 17.26 -8.40
C LEU B 55 -25.26 18.68 -8.95
N SER B 56 -25.49 19.72 -8.16
CA SER B 56 -25.43 21.06 -8.71
C SER B 56 -23.97 21.46 -8.87
N THR B 57 -23.16 21.06 -7.92
CA THR B 57 -21.70 21.15 -8.02
C THR B 57 -21.15 20.36 -9.20
N VAL B 58 -21.75 19.21 -9.47
CA VAL B 58 -21.34 18.38 -10.60
C VAL B 58 -21.60 19.11 -11.94
N ILE B 59 -22.76 19.77 -12.02
CA ILE B 59 -23.09 20.60 -13.14
C ILE B 59 -22.03 21.68 -13.32
N THR B 60 -21.74 22.44 -12.25
CA THR B 60 -20.68 23.43 -12.31
C THR B 60 -19.39 22.77 -12.86
N LYS B 61 -19.03 21.59 -12.34
CA LYS B 61 -17.78 20.94 -12.75
C LYS B 61 -17.77 20.50 -14.22
N ILE B 62 -18.92 20.11 -14.77
CA ILE B 62 -18.97 19.84 -16.18
C ILE B 62 -18.59 21.14 -16.90
N ASP B 63 -19.27 22.23 -16.58
CA ASP B 63 -18.98 23.55 -17.16
C ASP B 63 -17.50 23.93 -17.06
N LYS B 64 -16.88 23.72 -15.89
CA LYS B 64 -15.46 24.03 -15.69
C LYS B 64 -14.49 23.05 -16.35
N HIS B 65 -14.97 22.19 -17.24
CA HIS B 65 -14.12 21.22 -17.98
C HIS B 65 -13.36 20.27 -17.07
N ASN B 66 -13.89 20.03 -15.87
CA ASN B 66 -13.23 19.13 -14.94
C ASN B 66 -13.26 17.66 -15.39
N TYR B 67 -14.29 17.22 -16.09
CA TYR B 67 -14.36 15.83 -16.55
C TYR B 67 -13.98 15.66 -18.03
N LEU B 68 -13.00 14.81 -18.29
CA LEU B 68 -12.63 14.45 -19.65
C LEU B 68 -13.13 13.06 -20.00
N THR B 69 -13.70 12.33 -19.04
CA THR B 69 -14.29 11.01 -19.32
C THR B 69 -15.52 10.78 -18.46
N ALA B 70 -16.37 9.87 -18.91
CA ALA B 70 -17.49 9.44 -18.11
C ALA B 70 -17.04 8.93 -16.74
N LYS B 71 -15.91 8.25 -16.71
CA LYS B 71 -15.35 7.71 -15.48
C LYS B 71 -14.96 8.76 -14.41
N ASP B 72 -14.42 9.89 -14.81
CA ASP B 72 -14.13 10.93 -13.83
C ASP B 72 -15.42 11.53 -13.33
N PHE B 73 -16.43 11.60 -14.18
CA PHE B 73 -17.76 12.02 -13.76
C PHE B 73 -18.35 11.05 -12.70
N LEU B 74 -18.41 9.77 -13.04
CA LEU B 74 -18.94 8.75 -12.12
C LEU B 74 -18.23 8.75 -10.75
N LYS B 75 -16.94 9.03 -10.74
CA LYS B 75 -16.19 9.16 -9.48
C LYS B 75 -16.78 10.24 -8.58
N ASP B 76 -17.44 11.24 -9.17
CA ASP B 76 -18.17 12.22 -8.35
C ASP B 76 -19.54 11.73 -7.91
N ILE B 77 -20.22 10.94 -8.74
CA ILE B 77 -21.49 10.37 -8.34
C ILE B 77 -21.24 9.38 -7.21
N ASP B 78 -20.21 8.55 -7.37
CA ASP B 78 -19.78 7.60 -6.34
C ASP B 78 -19.50 8.30 -5.02
N LEU B 79 -18.99 9.54 -5.09
CA LEU B 79 -18.66 10.30 -3.88
C LEU B 79 -19.91 10.80 -3.17
N ILE B 80 -20.93 11.22 -3.94
CA ILE B 80 -22.17 11.72 -3.33
C ILE B 80 -22.80 10.59 -2.51
N CYS B 81 -22.73 9.39 -3.05
CA CYS B 81 -23.32 8.24 -2.41
C CYS B 81 -22.51 7.77 -1.20
N SER B 82 -21.18 7.79 -1.32
CA SER B 82 -20.32 7.26 -0.25
C SER B 82 -20.14 8.27 0.88
N ASN B 83 -20.45 9.54 0.63
CA ASN B 83 -20.59 10.52 1.71
C ASN B 83 -21.87 10.26 2.49
N ALA B 84 -22.99 10.30 1.78
CA ALA B 84 -24.29 9.95 2.36
C ALA B 84 -24.15 8.74 3.25
N LEU B 85 -23.52 7.68 2.76
CA LEU B 85 -23.36 6.47 3.55
C LEU B 85 -22.59 6.71 4.85
N GLU B 86 -21.60 7.60 4.80
CA GLU B 86 -20.77 7.92 5.95
C GLU B 86 -21.47 8.78 7.00
N TYR B 87 -22.15 9.84 6.56
CA TYR B 87 -22.84 10.71 7.52
C TYR B 87 -24.07 10.03 8.14
N ASN B 88 -24.68 9.10 7.42
CA ASN B 88 -25.92 8.47 7.88
C ASN B 88 -25.75 6.96 7.87
N PRO B 89 -25.10 6.40 8.91
CA PRO B 89 -24.85 4.96 8.92
C PRO B 89 -25.98 4.12 9.51
N ASP B 90 -26.65 4.70 10.52
CA ASP B 90 -27.40 3.94 11.53
C ASP B 90 -28.47 2.95 11.06
N LYS B 91 -29.09 2.30 12.05
CA LYS B 91 -30.14 1.33 11.84
C LYS B 91 -31.47 2.01 11.54
N ASP B 92 -31.75 3.13 12.22
CA ASP B 92 -33.07 3.78 12.15
C ASP B 92 -33.53 3.99 10.69
N PRO B 93 -34.86 3.93 10.45
CA PRO B 93 -35.34 3.86 9.07
C PRO B 93 -35.22 5.15 8.26
N GLY B 94 -34.94 6.28 8.91
CA GLY B 94 -34.70 7.56 8.22
C GLY B 94 -33.32 7.61 7.59
N ASP B 95 -32.36 6.94 8.21
CA ASP B 95 -31.04 6.81 7.60
C ASP B 95 -31.11 5.84 6.42
N LYS B 96 -31.81 4.71 6.59
CA LYS B 96 -32.01 3.77 5.51
C LYS B 96 -32.65 4.36 4.26
N ILE B 97 -33.61 5.27 4.43
CA ILE B 97 -34.22 5.97 3.28
C ILE B 97 -33.13 6.75 2.53
N ILE B 98 -32.30 7.46 3.28
CA ILE B 98 -31.23 8.23 2.67
C ILE B 98 -30.20 7.31 2.01
N ARG B 99 -29.83 6.23 2.68
CA ARG B 99 -28.82 5.32 2.13
C ARG B 99 -29.34 4.57 0.93
N HIS B 100 -30.56 4.04 1.01
CA HIS B 100 -31.14 3.42 -0.19
C HIS B 100 -31.10 4.38 -1.39
N ARG B 101 -31.41 5.66 -1.13
CA ARG B 101 -31.40 6.69 -2.16
C ARG B 101 -29.98 6.95 -2.69
N ALA B 102 -28.98 7.01 -1.81
CA ALA B 102 -27.59 7.16 -2.26
C ALA B 102 -27.23 6.04 -3.22
N CYS B 103 -27.46 4.80 -2.78
CA CYS B 103 -27.13 3.62 -3.58
C CYS B 103 -27.87 3.62 -4.91
N THR B 104 -29.14 3.99 -4.90
CA THR B 104 -29.92 4.06 -6.13
C THR B 104 -29.39 5.13 -7.13
N LEU B 105 -28.86 6.24 -6.61
CA LEU B 105 -28.31 7.33 -7.46
C LEU B 105 -27.07 6.83 -8.21
N LYS B 106 -26.23 6.10 -7.47
CA LYS B 106 -25.03 5.55 -8.03
C LYS B 106 -25.34 4.46 -9.06
N ASP B 107 -26.20 3.52 -8.72
CA ASP B 107 -26.56 2.46 -9.65
C ASP B 107 -27.33 3.00 -10.88
N THR B 108 -28.09 4.07 -10.70
CA THR B 108 -28.81 4.62 -11.83
C THR B 108 -27.82 5.26 -12.80
N ALA B 109 -26.88 6.03 -12.26
CA ALA B 109 -25.91 6.76 -13.09
C ALA B 109 -24.96 5.84 -13.85
N HIS B 110 -24.46 4.79 -13.19
CA HIS B 110 -23.67 3.73 -13.89
C HIS B 110 -24.47 2.96 -14.97
N ALA B 111 -25.77 2.78 -14.78
CA ALA B 111 -26.60 2.06 -15.77
C ALA B 111 -27.02 2.91 -16.98
N ILE B 112 -27.11 4.23 -16.78
CA ILE B 112 -27.32 5.15 -17.90
C ILE B 112 -26.04 5.16 -18.73
N ILE B 113 -24.88 5.38 -18.11
CA ILE B 113 -23.61 5.40 -18.86
C ILE B 113 -23.41 4.11 -19.61
N ALA B 114 -23.47 3.01 -18.88
CA ALA B 114 -23.35 1.67 -19.44
C ALA B 114 -24.29 1.44 -20.62
N ALA B 115 -25.52 1.93 -20.54
CA ALA B 115 -26.46 1.75 -21.65
C ALA B 115 -26.15 2.66 -22.85
N GLU B 116 -25.88 3.93 -22.58
CA GLU B 116 -25.93 4.95 -23.62
C GLU B 116 -24.57 5.42 -24.13
N LEU B 117 -23.50 5.17 -23.38
CA LEU B 117 -22.20 5.71 -23.76
C LEU B 117 -21.54 4.76 -24.75
N ASP B 118 -21.45 5.20 -26.01
CA ASP B 118 -20.75 4.42 -27.04
C ASP B 118 -19.32 4.09 -26.58
N PRO B 119 -18.92 2.80 -26.62
CA PRO B 119 -17.59 2.42 -26.17
C PRO B 119 -16.46 3.10 -26.93
N GLU B 120 -16.54 3.14 -28.26
CA GLU B 120 -15.48 3.78 -29.04
C GLU B 120 -15.40 5.27 -28.74
N PHE B 121 -16.54 5.91 -28.50
CA PHE B 121 -16.52 7.32 -28.17
C PHE B 121 -15.78 7.49 -26.86
N ASN B 122 -16.10 6.62 -25.91
CA ASN B 122 -15.44 6.58 -24.62
C ASN B 122 -13.94 6.43 -24.79
N LYS B 123 -13.51 5.41 -25.53
CA LYS B 123 -12.07 5.20 -25.77
C LYS B 123 -11.36 6.46 -26.29
N LEU B 124 -11.99 7.14 -27.24
CA LEU B 124 -11.49 8.42 -27.78
C LEU B 124 -11.29 9.49 -26.67
N CYS B 125 -12.27 9.61 -25.79
CA CYS B 125 -12.18 10.49 -24.63
C CYS B 125 -10.95 10.12 -23.79
N GLU B 126 -10.78 8.81 -23.58
CA GLU B 126 -9.69 8.27 -22.75
C GLU B 126 -8.37 8.61 -23.38
N GLU B 127 -8.27 8.44 -24.70
CA GLU B 127 -7.05 8.80 -25.44
C GLU B 127 -6.71 10.25 -25.23
N ILE B 128 -7.71 11.10 -25.46
CA ILE B 128 -7.55 12.54 -25.33
C ILE B 128 -7.11 12.96 -23.92
N LYS B 129 -7.74 12.41 -22.89
CA LYS B 129 -7.36 12.71 -21.51
C LYS B 129 -5.90 12.36 -21.30
N GLU B 130 -5.51 11.24 -21.90
CA GLU B 130 -4.14 10.73 -21.79
C GLU B 130 -3.18 11.64 -22.52
N ALA B 131 -3.49 11.91 -23.79
CA ALA B 131 -2.64 12.74 -24.64
C ALA B 131 -2.30 14.07 -23.97
N ARG B 132 -3.27 14.65 -23.28
CA ARG B 132 -3.06 15.92 -22.57
C ARG B 132 -2.27 15.72 -21.28
N ILE B 133 -2.53 14.60 -20.59
CA ILE B 133 -1.74 14.24 -19.41
C ILE B 133 -0.26 14.06 -19.79
N LYS B 134 0.00 13.72 -21.06
CA LYS B 134 1.37 13.46 -21.55
C LYS B 134 2.12 14.67 -22.13
N ARG B 135 1.43 15.78 -22.43
CA ARG B 135 2.07 16.95 -23.04
C ARG B 135 1.85 18.24 -22.24
N SER C 1 31.67 33.16 13.60
CA SER C 1 32.75 33.37 12.59
C SER C 1 33.04 32.06 11.83
N MET C 2 33.77 31.12 12.45
CA MET C 2 33.87 29.75 11.91
C MET C 2 32.65 28.95 12.35
N GLU C 3 31.91 29.52 13.30
CA GLU C 3 30.57 29.05 13.65
C GLU C 3 29.63 29.23 12.45
N ASP C 4 29.91 30.23 11.62
CA ASP C 4 29.09 30.54 10.45
C ASP C 4 29.35 29.58 9.30
N GLN C 5 30.55 29.01 9.23
CA GLN C 5 30.80 27.98 8.24
C GLN C 5 30.14 26.67 8.66
N GLU C 6 30.14 26.43 9.97
CA GLU C 6 29.38 25.29 10.49
C GLU C 6 27.93 25.45 10.08
N GLU C 7 27.45 26.68 10.14
CA GLU C 7 26.03 26.91 9.92
C GLU C 7 25.64 26.73 8.46
N ASN C 8 26.51 27.14 7.55
CA ASN C 8 26.23 26.97 6.14
C ASN C 8 26.06 25.50 5.83
N THR C 9 26.91 24.68 6.45
CA THR C 9 26.76 23.23 6.38
C THR C 9 25.48 22.68 7.05
N LEU C 10 25.11 23.15 8.23
CA LEU C 10 23.86 22.67 8.82
C LEU C 10 22.67 23.17 7.98
N ARG C 11 22.82 24.36 7.38
CA ARG C 11 21.81 24.90 6.47
C ARG C 11 21.59 24.00 5.25
N GLU C 12 22.68 23.49 4.66
CA GLU C 12 22.60 22.49 3.61
C GLU C 12 21.90 21.22 4.09
N LEU C 13 22.17 20.81 5.33
CA LEU C 13 21.47 19.64 5.85
C LEU C 13 19.97 19.88 5.91
N ARG C 14 19.55 21.05 6.39
CA ARG C 14 18.14 21.35 6.53
C ARG C 14 17.44 21.38 5.18
N LEU C 15 18.12 21.94 4.18
CA LEU C 15 17.62 21.91 2.80
C LEU C 15 17.43 20.45 2.41
N PHE C 16 18.42 19.61 2.63
CA PHE C 16 18.35 18.22 2.20
C PHE C 16 17.20 17.51 2.92
N LEU C 17 17.11 17.70 4.24
CA LEU C 17 16.07 17.06 5.04
C LEU C 17 14.68 17.50 4.68
N ARG C 18 14.51 18.76 4.28
CA ARG C 18 13.19 19.27 3.92
C ARG C 18 12.70 18.65 2.63
N ASP C 19 13.62 18.44 1.69
CA ASP C 19 13.30 17.75 0.45
C ASP C 19 12.87 16.31 0.71
N VAL C 20 13.66 15.58 1.49
CA VAL C 20 13.29 14.22 1.80
C VAL C 20 11.88 14.23 2.38
N THR C 21 11.66 15.08 3.37
CA THR C 21 10.39 15.09 4.10
C THR C 21 9.22 15.48 3.23
N LYS C 22 9.41 16.46 2.36
CA LYS C 22 8.40 16.82 1.39
C LYS C 22 8.02 15.63 0.52
N ARG C 23 9.00 14.85 0.10
CA ARG C 23 8.71 13.67 -0.72
C ARG C 23 7.89 12.66 0.08
N LEU C 24 8.26 12.40 1.33
CA LEU C 24 7.48 11.51 2.18
C LEU C 24 6.05 12.02 2.41
N ALA C 25 5.93 13.32 2.70
CA ALA C 25 4.67 13.90 3.14
C ALA C 25 3.67 14.08 2.00
N THR C 26 4.16 14.13 0.75
CA THR C 26 3.28 14.18 -0.43
C THR C 26 2.93 12.80 -1.06
N ASP C 27 3.39 11.69 -0.46
CA ASP C 27 3.01 10.34 -0.91
C ASP C 27 1.71 9.90 -0.24
N LYS C 28 0.70 9.61 -1.04
CA LYS C 28 -0.61 9.23 -0.55
C LYS C 28 -0.55 8.25 0.60
N ARG C 29 0.37 7.30 0.50
CA ARG C 29 0.42 6.20 1.49
C ARG C 29 0.63 6.66 2.94
N PHE C 30 1.35 7.76 3.11
CA PHE C 30 1.80 8.20 4.43
C PHE C 30 0.95 9.32 5.02
N ASN C 31 -0.20 9.56 4.42
CA ASN C 31 -1.09 10.63 4.83
C ASN C 31 -1.35 10.57 6.33
N ILE C 32 -1.61 9.37 6.84
CA ILE C 32 -1.96 9.23 8.25
C ILE C 32 -0.80 9.55 9.20
N PHE C 33 0.40 9.76 8.65
CA PHE C 33 1.56 10.14 9.44
C PHE C 33 1.94 11.57 9.21
N SER C 34 1.15 12.25 8.37
CA SER C 34 1.52 13.53 7.86
C SER C 34 1.18 14.63 8.83
N LYS C 35 0.18 14.39 9.69
CA LYS C 35 -0.30 15.36 10.66
C LYS C 35 -0.32 14.74 12.05
N PRO C 36 -0.33 15.57 13.12
CA PRO C 36 -0.54 15.00 14.43
C PRO C 36 -1.87 14.26 14.47
N VAL C 37 -2.06 13.47 15.52
CA VAL C 37 -3.36 12.88 15.78
C VAL C 37 -4.35 13.98 16.09
N ASP C 38 -5.59 13.77 15.68
CA ASP C 38 -6.65 14.75 15.81
C ASP C 38 -6.79 15.15 17.27
N ILE C 39 -7.17 16.42 17.48
CA ILE C 39 -7.37 16.98 18.81
C ILE C 39 -8.47 16.22 19.60
N GLU C 40 -9.55 15.83 18.92
CA GLU C 40 -10.68 15.14 19.58
C GLU C 40 -10.28 13.72 19.95
N GLU C 41 -9.77 12.98 18.96
CA GLU C 41 -9.21 11.65 19.19
C GLU C 41 -7.73 11.78 19.54
N VAL C 42 -7.45 12.51 20.63
CA VAL C 42 -6.08 12.75 21.13
C VAL C 42 -5.86 12.30 22.57
N SER C 43 -6.88 12.44 23.43
CA SER C 43 -6.81 11.90 24.80
C SER C 43 -6.65 10.36 24.85
N ASP C 44 -7.07 9.65 23.80
CA ASP C 44 -6.96 8.19 23.71
C ASP C 44 -5.55 7.74 23.28
N TYR C 45 -4.95 8.51 22.38
CA TYR C 45 -3.63 8.20 21.83
C TYR C 45 -2.54 8.27 22.90
N LEU C 46 -2.60 9.31 23.74
CA LEU C 46 -1.60 9.53 24.79
C LEU C 46 -1.68 8.56 25.96
N GLU C 47 -2.77 7.80 26.09
CA GLU C 47 -2.80 6.75 27.11
C GLU C 47 -1.78 5.67 26.74
N VAL C 48 -1.38 5.62 25.47
CA VAL C 48 -0.46 4.59 24.95
C VAL C 48 0.84 5.19 24.44
N ILE C 49 0.74 6.15 23.53
CA ILE C 49 1.91 6.79 22.98
C ILE C 49 2.33 8.02 23.77
N LYS C 50 3.50 7.94 24.40
CA LYS C 50 3.98 9.01 25.28
C LYS C 50 4.84 10.03 24.53
N GLU C 51 5.31 9.66 23.34
CA GLU C 51 6.14 10.54 22.52
C GLU C 51 5.67 10.54 21.08
N PRO C 52 4.50 11.17 20.81
CA PRO C 52 3.96 11.27 19.46
C PRO C 52 4.91 12.01 18.51
N MET C 53 4.79 11.71 17.21
CA MET C 53 5.61 12.30 16.17
C MET C 53 4.90 12.12 14.82
N ASP C 54 5.11 13.07 13.92
CA ASP C 54 4.49 13.07 12.61
C ASP C 54 5.27 13.96 11.67
N LEU C 55 4.99 13.83 10.40
CA LEU C 55 5.78 14.46 9.38
C LEU C 55 5.72 16.00 9.46
N SER C 56 4.60 16.59 9.87
CA SER C 56 4.60 18.05 10.04
C SER C 56 5.41 18.54 11.26
N THR C 57 5.46 17.73 12.31
CA THR C 57 6.26 18.06 13.50
C THR C 57 7.72 17.96 13.11
N VAL C 58 8.04 16.93 12.33
CA VAL C 58 9.40 16.76 11.84
C VAL C 58 9.88 18.02 11.11
N ILE C 59 9.02 18.63 10.29
CA ILE C 59 9.37 19.81 9.48
C ILE C 59 9.66 20.97 10.45
N THR C 60 8.73 21.24 11.36
CA THR C 60 8.95 22.19 12.46
C THR C 60 10.28 21.96 13.20
N LYS C 61 10.57 20.72 13.56
CA LYS C 61 11.84 20.43 14.21
C LYS C 61 13.07 20.71 13.32
N ILE C 62 12.91 20.53 12.01
CA ILE C 62 13.95 20.95 11.07
C ILE C 62 14.15 22.45 11.18
N ASP C 63 13.03 23.18 11.13
CA ASP C 63 13.05 24.62 11.22
C ASP C 63 13.71 25.11 12.50
N LYS C 64 13.40 24.44 13.62
CA LYS C 64 13.95 24.79 14.96
C LYS C 64 15.43 24.44 15.17
N HIS C 65 16.08 23.90 14.14
CA HIS C 65 17.49 23.50 14.22
C HIS C 65 17.71 22.32 15.17
N ASN C 66 16.69 21.49 15.37
CA ASN C 66 16.82 20.34 16.27
C ASN C 66 17.64 19.17 15.65
N TYR C 67 17.78 19.14 14.33
CA TYR C 67 18.59 18.09 13.73
C TYR C 67 19.92 18.66 13.20
N LEU C 68 21.01 18.14 13.74
CA LEU C 68 22.33 18.42 13.25
C LEU C 68 22.89 17.27 12.41
N THR C 69 22.18 16.14 12.32
CA THR C 69 22.66 15.03 11.49
C THR C 69 21.48 14.30 10.92
N ALA C 70 21.66 13.71 9.74
CA ALA C 70 20.61 12.89 9.13
C ALA C 70 20.14 11.80 10.08
N LYS C 71 21.03 11.29 10.91
CA LYS C 71 20.70 10.18 11.80
C LYS C 71 19.78 10.64 12.94
N ASP C 72 19.85 11.90 13.34
CA ASP C 72 18.89 12.38 14.34
C ASP C 72 17.52 12.57 13.71
N PHE C 73 17.47 12.89 12.42
CA PHE C 73 16.23 12.98 11.67
C PHE C 73 15.56 11.61 11.52
N LEU C 74 16.35 10.60 11.19
CA LEU C 74 15.82 9.28 10.91
C LEU C 74 15.26 8.66 12.15
N LYS C 75 15.86 8.96 13.29
CA LYS C 75 15.32 8.52 14.57
C LYS C 75 13.91 9.08 14.85
N ASP C 76 13.56 10.26 14.32
CA ASP C 76 12.16 10.69 14.43
C ASP C 76 11.26 9.93 13.46
N ILE C 77 11.78 9.59 12.27
CA ILE C 77 10.99 8.77 11.34
C ILE C 77 10.73 7.39 11.97
N ASP C 78 11.76 6.84 12.61
CA ASP C 78 11.61 5.56 13.29
C ASP C 78 10.52 5.66 14.33
N LEU C 79 10.48 6.81 15.01
CA LEU C 79 9.52 7.00 16.11
C LEU C 79 8.07 7.04 15.58
N ILE C 80 7.89 7.63 14.40
CA ILE C 80 6.57 7.64 13.74
C ILE C 80 6.18 6.19 13.49
N CYS C 81 7.10 5.40 12.99
CA CYS C 81 6.83 4.01 12.70
C CYS C 81 6.53 3.16 13.94
N SER C 82 7.42 3.18 14.94
CA SER C 82 7.22 2.36 16.14
C SER C 82 5.97 2.77 16.93
N ASN C 83 5.62 4.05 16.89
CA ASN C 83 4.34 4.51 17.49
C ASN C 83 3.13 3.90 16.78
N ALA C 84 3.12 4.02 15.47
CA ALA C 84 2.12 3.36 14.63
C ALA C 84 2.01 1.89 14.96
N LEU C 85 3.14 1.20 15.07
CA LEU C 85 3.09 -0.19 15.45
C LEU C 85 2.48 -0.40 16.84
N GLU C 86 2.86 0.43 17.82
CA GLU C 86 2.39 0.25 19.21
C GLU C 86 0.88 0.47 19.38
N TYR C 87 0.37 1.52 18.73
CA TYR C 87 -1.06 1.85 18.82
C TYR C 87 -1.94 0.88 18.01
N ASN C 88 -1.39 0.29 16.94
CA ASN C 88 -2.13 -0.63 16.07
C ASN C 88 -1.55 -2.03 16.06
N PRO C 89 -1.76 -2.79 17.14
CA PRO C 89 -1.29 -4.17 17.16
C PRO C 89 -1.99 -4.96 16.09
N ASP C 90 -1.26 -5.88 15.43
CA ASP C 90 -1.80 -6.63 14.29
C ASP C 90 -2.90 -7.55 14.76
N LYS C 91 -4.12 -7.28 14.28
CA LYS C 91 -5.30 -8.13 14.53
C LYS C 91 -6.12 -8.43 13.25
N ASP C 92 -6.29 -7.43 12.38
CA ASP C 92 -7.06 -7.61 11.14
C ASP C 92 -6.40 -6.85 9.99
N PRO C 93 -6.99 -6.90 8.78
CA PRO C 93 -6.30 -6.27 7.66
C PRO C 93 -6.20 -4.77 7.77
N GLY C 94 -7.15 -4.13 8.46
CA GLY C 94 -7.09 -2.67 8.66
C GLY C 94 -5.81 -2.33 9.40
N ASP C 95 -5.61 -3.03 10.51
CA ASP C 95 -4.36 -2.95 11.25
C ASP C 95 -3.14 -3.16 10.36
N LYS C 96 -3.17 -4.20 9.53
CA LYS C 96 -2.04 -4.49 8.64
C LYS C 96 -1.69 -3.36 7.70
N ILE C 97 -2.69 -2.75 7.06
CA ILE C 97 -2.48 -1.60 6.15
C ILE C 97 -1.67 -0.48 6.81
N ILE C 98 -2.02 -0.15 8.05
CA ILE C 98 -1.33 0.92 8.76
C ILE C 98 0.10 0.47 9.10
N ARG C 99 0.24 -0.76 9.55
CA ARG C 99 1.54 -1.24 9.98
C ARG C 99 2.46 -1.29 8.77
N HIS C 100 1.93 -1.68 7.64
CA HIS C 100 2.73 -1.83 6.44
C HIS C 100 3.15 -0.48 5.91
N ARG C 101 2.27 0.50 6.03
CA ARG C 101 2.59 1.87 5.65
C ARG C 101 3.65 2.47 6.56
N ALA C 102 3.53 2.22 7.86
CA ALA C 102 4.48 2.75 8.82
C ALA C 102 5.86 2.22 8.50
N CYS C 103 5.94 0.90 8.32
CA CYS C 103 7.19 0.23 8.01
C CYS C 103 7.73 0.70 6.66
N THR C 104 6.83 1.03 5.73
CA THR C 104 7.25 1.52 4.41
C THR C 104 7.78 2.97 4.46
N LEU C 105 7.16 3.78 5.31
CA LEU C 105 7.65 5.15 5.52
C LEU C 105 9.07 5.10 6.07
N LYS C 106 9.28 4.21 7.02
CA LYS C 106 10.58 4.09 7.65
C LYS C 106 11.58 3.65 6.61
N ASP C 107 11.26 2.63 5.83
CA ASP C 107 12.24 2.04 4.93
C ASP C 107 12.60 3.02 3.82
N THR C 108 11.61 3.76 3.37
CA THR C 108 11.78 4.74 2.31
C THR C 108 12.71 5.90 2.74
N ALA C 109 12.50 6.39 3.95
CA ALA C 109 13.35 7.45 4.50
C ALA C 109 14.75 6.99 4.69
N HIS C 110 14.95 5.77 5.24
CA HIS C 110 16.29 5.22 5.35
C HIS C 110 16.89 4.99 3.95
N ALA C 111 16.10 4.49 3.01
CA ALA C 111 16.60 4.28 1.63
C ALA C 111 17.03 5.59 0.96
N ILE C 112 16.19 6.62 1.04
CA ILE C 112 16.52 7.91 0.44
C ILE C 112 17.85 8.42 0.94
N ILE C 113 18.00 8.46 2.27
CA ILE C 113 19.21 9.01 2.87
C ILE C 113 20.43 8.23 2.41
N ALA C 114 20.34 6.90 2.43
CA ALA C 114 21.48 6.05 2.08
C ALA C 114 21.90 6.22 0.61
N ALA C 115 20.95 6.46 -0.28
CA ALA C 115 21.25 6.62 -1.71
C ALA C 115 21.73 8.02 -2.02
N GLU C 116 21.31 9.00 -1.23
CA GLU C 116 21.51 10.36 -1.65
C GLU C 116 22.48 11.13 -0.78
N LEU C 117 22.63 10.74 0.48
CA LEU C 117 23.44 11.53 1.40
C LEU C 117 24.90 11.15 1.23
N ASP C 118 25.67 12.10 0.77
CA ASP C 118 27.10 11.94 0.60
C ASP C 118 27.70 11.65 1.98
N PRO C 119 28.41 10.50 2.14
CA PRO C 119 28.84 10.16 3.49
C PRO C 119 29.91 11.11 4.06
N GLU C 120 30.62 11.83 3.19
CA GLU C 120 31.66 12.74 3.66
C GLU C 120 30.99 13.97 4.23
N PHE C 121 29.87 14.35 3.60
CA PHE C 121 29.04 15.42 4.09
C PHE C 121 28.40 15.02 5.43
N ASN C 122 28.08 13.75 5.54
CA ASN C 122 27.44 13.27 6.73
C ASN C 122 28.42 13.26 7.91
N LYS C 123 29.63 12.75 7.67
CA LYS C 123 30.66 12.72 8.71
C LYS C 123 30.91 14.14 9.17
N LEU C 124 30.88 15.08 8.23
CA LEU C 124 31.06 16.48 8.58
C LEU C 124 29.96 16.95 9.53
N CYS C 125 28.72 16.61 9.21
CA CYS C 125 27.61 16.97 10.09
C CYS C 125 27.85 16.38 11.47
N GLU C 126 28.25 15.11 11.49
CA GLU C 126 28.41 14.38 12.72
C GLU C 126 29.44 15.06 13.62
N GLU C 127 30.59 15.42 13.05
CA GLU C 127 31.65 16.08 13.78
C GLU C 127 31.29 17.49 14.24
N ILE C 128 30.48 18.20 13.46
CA ILE C 128 29.97 19.49 13.90
C ILE C 128 29.15 19.34 15.17
N LYS C 129 28.10 18.52 15.12
CA LYS C 129 27.32 18.10 16.31
C LYS C 129 28.18 17.70 17.52
N GLU C 130 29.28 17.01 17.25
CA GLU C 130 30.19 16.56 18.30
C GLU C 130 30.94 17.79 18.81
N ALA C 131 31.47 18.57 17.86
CA ALA C 131 32.25 19.75 18.19
C ALA C 131 31.51 20.70 19.13
N ARG C 132 30.20 20.78 18.96
CA ARG C 132 29.35 21.66 19.76
C ARG C 132 29.06 21.09 21.14
N ILE C 133 28.78 19.79 21.20
CA ILE C 133 28.63 19.09 22.48
C ILE C 133 29.85 19.26 23.40
N LYS C 134 31.01 19.60 22.82
CA LYS C 134 32.27 19.76 23.55
C LYS C 134 32.75 21.21 23.72
N ARG C 135 31.85 22.19 23.73
CA ARG C 135 32.27 23.60 23.93
C ARG C 135 31.14 24.50 24.40
N SER D 1 30.86 -23.28 -9.96
CA SER D 1 32.11 -22.74 -9.33
C SER D 1 32.40 -21.27 -9.68
N MET D 2 31.33 -20.47 -9.70
CA MET D 2 31.35 -19.06 -9.23
C MET D 2 30.15 -18.83 -8.30
N GLU D 3 29.27 -19.83 -8.22
CA GLU D 3 28.36 -20.01 -7.09
C GLU D 3 29.17 -20.29 -5.81
N ASP D 4 30.46 -20.58 -5.98
CA ASP D 4 31.35 -20.83 -4.87
C ASP D 4 32.11 -19.55 -4.49
N GLN D 5 32.55 -18.79 -5.49
CA GLN D 5 33.14 -17.48 -5.21
C GLN D 5 32.14 -16.54 -4.53
N GLU D 6 30.85 -16.73 -4.79
CA GLU D 6 29.81 -15.97 -4.09
C GLU D 6 29.67 -16.48 -2.65
N GLU D 7 29.80 -17.79 -2.47
CA GLU D 7 29.58 -18.39 -1.17
C GLU D 7 30.67 -18.00 -0.17
N ASN D 8 31.90 -17.89 -0.65
CA ASN D 8 33.03 -17.47 0.19
C ASN D 8 32.67 -16.15 0.86
N THR D 9 32.23 -15.20 0.05
CA THR D 9 31.80 -13.87 0.52
C THR D 9 30.61 -13.90 1.47
N LEU D 10 29.63 -14.75 1.19
CA LEU D 10 28.51 -14.89 2.12
C LEU D 10 29.00 -15.58 3.41
N ARG D 11 29.95 -16.51 3.29
CA ARG D 11 30.57 -17.10 4.47
C ARG D 11 31.27 -16.03 5.32
N GLU D 12 32.07 -15.17 4.70
CA GLU D 12 32.66 -14.03 5.38
C GLU D 12 31.59 -13.15 6.03
N LEU D 13 30.43 -12.97 5.39
CA LEU D 13 29.35 -12.21 6.03
C LEU D 13 28.89 -12.93 7.30
N ARG D 14 28.75 -14.25 7.23
CA ARG D 14 28.21 -15.01 8.36
C ARG D 14 29.19 -15.02 9.51
N LEU D 15 30.48 -15.08 9.17
CA LEU D 15 31.54 -14.98 10.17
C LEU D 15 31.35 -13.66 10.92
N PHE D 16 31.04 -12.60 10.19
CA PHE D 16 30.89 -11.29 10.78
C PHE D 16 29.62 -11.19 11.61
N LEU D 17 28.49 -11.65 11.05
CA LEU D 17 27.20 -11.55 11.76
C LEU D 17 27.19 -12.41 13.02
N ARG D 18 27.92 -13.53 13.04
CA ARG D 18 28.07 -14.30 14.28
C ARG D 18 28.88 -13.54 15.34
N ASP D 19 29.85 -12.75 14.92
CA ASP D 19 30.66 -11.98 15.87
C ASP D 19 29.86 -10.84 16.44
N VAL D 20 29.07 -10.17 15.61
CA VAL D 20 28.26 -9.06 16.05
C VAL D 20 27.22 -9.58 17.05
N THR D 21 26.53 -10.64 16.68
CA THR D 21 25.48 -11.20 17.53
C THR D 21 25.99 -11.78 18.83
N LYS D 22 27.14 -12.44 18.78
CA LYS D 22 27.78 -12.94 20.00
C LYS D 22 28.05 -11.79 20.97
N ARG D 23 28.34 -10.60 20.43
CA ARG D 23 28.63 -9.45 21.28
C ARG D 23 27.38 -8.87 21.95
N LEU D 24 26.26 -8.92 21.24
CA LEU D 24 24.97 -8.48 21.80
C LEU D 24 24.44 -9.50 22.82
N ALA D 25 24.49 -10.77 22.44
CA ALA D 25 23.99 -11.86 23.26
C ALA D 25 24.64 -11.98 24.63
N THR D 26 25.91 -11.60 24.76
CA THR D 26 26.64 -11.67 26.04
C THR D 26 26.59 -10.39 26.92
N ASP D 27 26.08 -9.29 26.36
CA ASP D 27 25.86 -8.05 27.15
C ASP D 27 24.62 -8.30 28.02
N LYS D 28 24.81 -8.24 29.33
CA LYS D 28 23.80 -8.68 30.26
C LYS D 28 22.51 -7.88 30.14
N ARG D 29 22.62 -6.63 29.70
CA ARG D 29 21.45 -5.79 29.40
C ARG D 29 20.44 -6.47 28.45
N PHE D 30 20.95 -7.25 27.50
CA PHE D 30 20.10 -7.84 26.45
C PHE D 30 19.72 -9.29 26.72
N ASN D 31 19.93 -9.73 27.94
CA ASN D 31 19.56 -11.08 28.36
C ASN D 31 18.12 -11.43 27.95
N ILE D 32 17.18 -10.51 28.18
CA ILE D 32 15.77 -10.81 27.98
C ILE D 32 15.43 -10.97 26.49
N PHE D 33 16.33 -10.50 25.62
CA PHE D 33 16.20 -10.67 24.19
C PHE D 33 17.06 -11.80 23.66
N SER D 34 17.69 -12.56 24.57
CA SER D 34 18.65 -13.59 24.18
C SER D 34 17.99 -14.93 23.87
N LYS D 35 16.76 -15.13 24.32
CA LYS D 35 16.03 -16.38 24.13
C LYS D 35 14.59 -16.11 23.75
N PRO D 36 13.95 -17.06 23.04
CA PRO D 36 12.53 -16.89 22.78
C PRO D 36 11.82 -16.72 24.10
N VAL D 37 10.58 -16.24 24.06
CA VAL D 37 9.76 -16.10 25.25
C VAL D 37 9.44 -17.49 25.80
N ASP D 38 9.18 -17.53 27.10
CA ASP D 38 8.99 -18.77 27.82
C ASP D 38 7.81 -19.54 27.23
N ILE D 39 7.98 -20.86 27.08
CA ILE D 39 6.94 -21.75 26.56
C ILE D 39 5.60 -21.56 27.29
N GLU D 40 5.66 -21.47 28.62
CA GLU D 40 4.47 -21.23 29.44
C GLU D 40 3.88 -19.88 29.09
N GLU D 41 4.76 -18.91 28.82
CA GLU D 41 4.36 -17.54 28.48
C GLU D 41 4.01 -17.30 27.00
N VAL D 42 4.05 -18.35 26.17
CA VAL D 42 3.89 -18.20 24.72
C VAL D 42 2.50 -17.70 24.33
N SER D 43 1.47 -18.52 24.50
CA SER D 43 0.07 -18.13 24.22
C SER D 43 -0.27 -16.63 24.43
N ASP D 44 0.30 -15.98 25.46
CA ASP D 44 -0.01 -14.56 25.82
C ASP D 44 0.78 -13.58 24.95
N TYR D 45 2.04 -13.92 24.73
CA TYR D 45 2.88 -13.16 23.81
C TYR D 45 2.21 -13.18 22.45
N LEU D 46 1.87 -14.37 21.97
CA LEU D 46 1.43 -14.54 20.59
C LEU D 46 0.05 -13.94 20.34
N GLU D 47 -0.64 -13.57 21.40
CA GLU D 47 -1.89 -12.82 21.27
C GLU D 47 -1.57 -11.47 20.61
N VAL D 48 -0.46 -10.87 21.04
CA VAL D 48 -0.02 -9.55 20.63
C VAL D 48 1.03 -9.61 19.50
N ILE D 49 2.09 -10.39 19.68
CA ILE D 49 3.14 -10.49 18.69
C ILE D 49 3.02 -11.67 17.70
N LYS D 50 2.96 -11.37 16.41
CA LYS D 50 2.79 -12.37 15.36
C LYS D 50 4.11 -12.83 14.75
N GLU D 51 5.17 -12.05 14.99
CA GLU D 51 6.49 -12.35 14.44
C GLU D 51 7.54 -12.26 15.54
N PRO D 52 7.60 -13.28 16.42
CA PRO D 52 8.60 -13.27 17.49
C PRO D 52 10.02 -13.35 16.92
N MET D 53 10.95 -12.77 17.64
CA MET D 53 12.34 -12.82 17.25
C MET D 53 13.15 -12.55 18.49
N ASP D 54 14.32 -13.17 18.52
CA ASP D 54 15.25 -13.13 19.61
C ASP D 54 16.62 -13.55 19.09
N LEU D 55 17.64 -13.23 19.86
CA LEU D 55 19.02 -13.35 19.43
C LEU D 55 19.45 -14.79 19.11
N SER D 56 18.97 -15.78 19.86
CA SER D 56 19.32 -17.17 19.49
C SER D 56 18.66 -17.60 18.17
N THR D 57 17.45 -17.12 17.89
CA THR D 57 16.80 -17.40 16.63
C THR D 57 17.58 -16.69 15.52
N VAL D 58 18.09 -15.49 15.81
CA VAL D 58 18.93 -14.80 14.85
C VAL D 58 20.16 -15.64 14.46
N ILE D 59 20.80 -16.28 15.44
CA ILE D 59 21.97 -17.12 15.18
C ILE D 59 21.57 -18.33 14.33
N THR D 60 20.41 -18.91 14.62
CA THR D 60 19.90 -20.02 13.81
C THR D 60 19.67 -19.58 12.36
N LYS D 61 19.18 -18.37 12.20
CA LYS D 61 18.90 -17.85 10.88
C LYS D 61 20.17 -17.57 10.11
N ILE D 62 21.21 -17.07 10.78
CA ILE D 62 22.54 -17.01 10.15
C ILE D 62 22.97 -18.36 9.62
N ASP D 63 22.86 -19.36 10.47
CA ASP D 63 23.29 -20.70 10.15
C ASP D 63 22.56 -21.25 8.95
N LYS D 64 21.25 -21.00 8.90
CA LYS D 64 20.37 -21.44 7.80
C LYS D 64 20.55 -20.63 6.51
N HIS D 65 21.46 -19.66 6.50
CA HIS D 65 21.76 -18.87 5.29
C HIS D 65 20.60 -17.92 4.95
N ASN D 66 19.84 -17.53 5.96
CA ASN D 66 18.72 -16.62 5.76
C ASN D 66 19.14 -15.16 5.44
N TYR D 67 20.33 -14.74 5.89
CA TYR D 67 20.81 -13.37 5.61
C TYR D 67 21.93 -13.36 4.56
N LEU D 68 21.65 -12.72 3.44
CA LEU D 68 22.62 -12.46 2.40
C LEU D 68 23.24 -11.09 2.56
N THR D 69 22.66 -10.23 3.42
CA THR D 69 23.16 -8.86 3.61
C THR D 69 23.14 -8.47 5.08
N ALA D 70 23.99 -7.53 5.47
CA ALA D 70 23.90 -6.97 6.80
C ALA D 70 22.54 -6.31 7.03
N LYS D 71 21.97 -5.71 6.00
CA LYS D 71 20.67 -5.05 6.18
C LYS D 71 19.57 -6.01 6.61
N ASP D 72 19.46 -7.16 5.95
CA ASP D 72 18.44 -8.13 6.35
C ASP D 72 18.62 -8.54 7.82
N PHE D 73 19.85 -8.75 8.25
CA PHE D 73 20.13 -9.03 9.65
C PHE D 73 19.57 -7.90 10.55
N LEU D 74 19.79 -6.66 10.16
CA LEU D 74 19.43 -5.52 11.02
C LEU D 74 17.93 -5.36 11.10
N LYS D 75 17.26 -5.75 10.04
CA LYS D 75 15.81 -5.88 10.10
C LYS D 75 15.36 -6.82 11.20
N ASP D 76 15.98 -7.99 11.37
CA ASP D 76 15.58 -8.83 12.52
C ASP D 76 15.94 -8.21 13.90
N ILE D 77 16.97 -7.37 13.95
CA ILE D 77 17.31 -6.67 15.21
C ILE D 77 16.21 -5.67 15.54
N ASP D 78 15.80 -4.93 14.51
CA ASP D 78 14.70 -3.97 14.62
C ASP D 78 13.42 -4.65 15.06
N LEU D 79 13.20 -5.86 14.56
CA LEU D 79 12.01 -6.61 14.93
C LEU D 79 12.03 -6.98 16.41
N ILE D 80 13.21 -7.31 16.93
CA ILE D 80 13.31 -7.68 18.36
C ILE D 80 12.96 -6.44 19.21
N CYS D 81 13.38 -5.27 18.76
CA CYS D 81 13.14 -4.04 19.49
C CYS D 81 11.69 -3.58 19.43
N SER D 82 11.08 -3.61 18.24
CA SER D 82 9.71 -3.14 18.07
C SER D 82 8.69 -4.07 18.72
N ASN D 83 8.93 -5.38 18.64
CA ASN D 83 8.07 -6.35 19.35
C ASN D 83 8.00 -6.08 20.87
N ALA D 84 9.18 -5.86 21.47
CA ALA D 84 9.30 -5.45 22.88
C ALA D 84 8.54 -4.16 23.17
N LEU D 85 8.74 -3.13 22.35
CA LEU D 85 7.98 -1.91 22.50
C LEU D 85 6.44 -2.17 22.51
N GLU D 86 5.97 -3.02 21.61
CA GLU D 86 4.53 -3.31 21.47
C GLU D 86 3.97 -4.03 22.71
N TYR D 87 4.64 -5.09 23.14
CA TYR D 87 4.22 -5.86 24.34
C TYR D 87 4.37 -5.04 25.63
N ASN D 88 5.33 -4.12 25.67
CA ASN D 88 5.65 -3.36 26.88
C ASN D 88 5.40 -1.85 26.76
N PRO D 89 4.14 -1.44 26.57
CA PRO D 89 3.86 -0.03 26.46
C PRO D 89 4.37 0.69 27.67
N ASP D 90 4.63 1.98 27.53
CA ASP D 90 5.32 2.74 28.59
C ASP D 90 4.36 3.24 29.66
N LYS D 91 4.00 2.38 30.60
CA LYS D 91 3.17 2.75 31.78
C LYS D 91 3.99 3.12 33.04
N ASP D 92 5.13 2.46 33.26
CA ASP D 92 5.90 2.62 34.51
C ASP D 92 7.38 2.20 34.38
N PRO D 93 8.19 2.33 35.46
CA PRO D 93 9.64 2.22 35.22
C PRO D 93 10.13 0.85 34.81
N GLY D 94 9.38 -0.21 35.16
CA GLY D 94 9.75 -1.57 34.75
C GLY D 94 9.61 -1.69 33.25
N ASP D 95 8.53 -1.10 32.73
CA ASP D 95 8.36 -0.95 31.29
C ASP D 95 9.55 -0.20 30.69
N LYS D 96 9.90 0.93 31.30
CA LYS D 96 10.92 1.85 30.78
C LYS D 96 12.29 1.21 30.61
N ILE D 97 12.66 0.37 31.57
CA ILE D 97 13.90 -0.42 31.51
C ILE D 97 13.86 -1.35 30.30
N ILE D 98 12.77 -2.09 30.16
CA ILE D 98 12.64 -2.99 29.02
C ILE D 98 12.79 -2.20 27.73
N ARG D 99 12.04 -1.11 27.58
CA ARG D 99 12.03 -0.33 26.33
C ARG D 99 13.38 0.28 26.02
N HIS D 100 14.08 0.72 27.05
CA HIS D 100 15.37 1.34 26.88
C HIS D 100 16.39 0.31 26.40
N ARG D 101 16.31 -0.89 26.95
CA ARG D 101 17.22 -1.96 26.55
C ARG D 101 16.94 -2.43 25.13
N ALA D 102 15.66 -2.44 24.76
CA ALA D 102 15.25 -2.75 23.40
C ALA D 102 15.87 -1.77 22.41
N CYS D 103 15.78 -0.48 22.72
CA CYS D 103 16.22 0.55 21.80
C CYS D 103 17.75 0.51 21.77
N THR D 104 18.37 0.33 22.94
CA THR D 104 19.83 0.24 23.02
C THR D 104 20.41 -0.98 22.24
N LEU D 105 19.67 -2.08 22.20
CA LEU D 105 20.07 -3.20 21.35
C LEU D 105 20.10 -2.71 19.89
N LYS D 106 19.01 -2.10 19.47
CA LYS D 106 18.89 -1.63 18.08
C LYS D 106 20.01 -0.68 17.76
N ASP D 107 20.23 0.33 18.61
CA ASP D 107 21.21 1.37 18.30
C ASP D 107 22.62 0.77 18.24
N THR D 108 22.91 -0.12 19.18
CA THR D 108 24.22 -0.77 19.29
C THR D 108 24.53 -1.55 18.04
N ALA D 109 23.59 -2.39 17.64
CA ALA D 109 23.73 -3.22 16.46
C ALA D 109 23.94 -2.39 15.21
N HIS D 110 23.14 -1.33 15.03
CA HIS D 110 23.35 -0.46 13.87
C HIS D 110 24.70 0.22 13.91
N ALA D 111 25.17 0.66 15.07
CA ALA D 111 26.49 1.30 15.17
C ALA D 111 27.67 0.36 14.90
N ILE D 112 27.58 -0.90 15.35
CA ILE D 112 28.64 -1.88 15.12
C ILE D 112 28.80 -2.08 13.60
N ILE D 113 27.70 -2.29 12.91
CA ILE D 113 27.76 -2.50 11.47
C ILE D 113 28.26 -1.25 10.77
N ALA D 114 27.78 -0.10 11.20
CA ALA D 114 28.18 1.15 10.61
C ALA D 114 29.70 1.38 10.73
N ALA D 115 30.28 1.11 11.90
CA ALA D 115 31.73 1.31 12.15
C ALA D 115 32.63 0.22 11.59
N GLU D 116 32.10 -0.98 11.39
CA GLU D 116 32.95 -2.12 11.16
C GLU D 116 32.80 -2.75 9.78
N LEU D 117 31.66 -2.51 9.14
CA LEU D 117 31.40 -3.16 7.88
C LEU D 117 31.97 -2.29 6.79
N ASP D 118 32.97 -2.83 6.11
CA ASP D 118 33.51 -2.17 4.94
C ASP D 118 32.37 -1.99 3.91
N PRO D 119 32.14 -0.75 3.43
CA PRO D 119 31.04 -0.48 2.51
C PRO D 119 31.11 -1.27 1.22
N GLU D 120 32.32 -1.55 0.75
CA GLU D 120 32.52 -2.17 -0.55
C GLU D 120 31.98 -3.56 -0.43
N PHE D 121 32.33 -4.18 0.69
CA PHE D 121 31.97 -5.54 0.99
C PHE D 121 30.46 -5.64 1.04
N ASN D 122 29.87 -4.63 1.67
CA ASN D 122 28.46 -4.58 1.78
C ASN D 122 27.81 -4.41 0.39
N LYS D 123 28.34 -3.52 -0.44
CA LYS D 123 27.87 -3.42 -1.81
C LYS D 123 27.96 -4.77 -2.50
N LEU D 124 29.06 -5.50 -2.26
CA LEU D 124 29.23 -6.80 -2.91
C LEU D 124 28.17 -7.79 -2.48
N CYS D 125 27.84 -7.79 -1.18
CA CYS D 125 26.84 -8.72 -0.68
C CYS D 125 25.51 -8.42 -1.36
N GLU D 126 25.17 -7.14 -1.44
CA GLU D 126 23.90 -6.72 -2.02
C GLU D 126 23.79 -7.13 -3.48
N GLU D 127 24.87 -6.95 -4.22
CA GLU D 127 24.92 -7.34 -5.62
C GLU D 127 24.74 -8.85 -5.75
N ILE D 128 25.32 -9.59 -4.80
CA ILE D 128 25.16 -11.06 -4.74
C ILE D 128 23.74 -11.46 -4.41
N LYS D 129 23.07 -10.71 -3.55
CA LYS D 129 21.64 -10.94 -3.32
C LYS D 129 20.87 -10.64 -4.59
N GLU D 130 20.95 -9.40 -5.06
CA GLU D 130 20.25 -8.98 -6.27
C GLU D 130 20.48 -10.01 -7.36
N ALA D 131 21.75 -10.41 -7.55
CA ALA D 131 22.11 -11.29 -8.66
C ALA D 131 21.49 -12.69 -8.61
N ARG D 132 21.10 -13.16 -7.42
CA ARG D 132 20.53 -14.49 -7.23
C ARG D 132 19.02 -14.52 -7.40
N ILE D 133 18.37 -13.39 -7.11
CA ILE D 133 16.96 -13.22 -7.48
C ILE D 133 16.90 -13.31 -9.01
N LYS D 134 17.52 -12.33 -9.67
CA LYS D 134 17.78 -12.39 -11.11
C LYS D 134 18.79 -13.51 -11.38
#